data_5ZTM
#
_entry.id   5ZTM
#
_cell.length_a   108.479
_cell.length_b   108.479
_cell.length_c   347.061
_cell.angle_alpha   90.000
_cell.angle_beta   90.000
_cell.angle_gamma   120.000
#
_symmetry.space_group_name_H-M   'H 3 2'
#
loop_
_entity.id
_entity.type
_entity.pdbx_description
1 polymer 'Dosage compensation regulator'
2 polymer 'non-coding mRNA sequence roX2'
#
loop_
_entity_poly.entity_id
_entity_poly.type
_entity_poly.pdbx_seq_one_letter_code
_entity_poly.pdbx_strand_id
1 'polypeptide(L)'
;MDIKSFLYQFCAKSQIEPKFDIRQTGPKNRQRFLCEVRVEPNTYIGVGNSTNKKDAEKNACRDFVNYLVRVGKLNTNDVP
ADAGASGGGPRTGLEGAGMAGGSGQQKRVFDGQSGPQDLGEAYRPLNHDGGDGGNRYSVIDRIQEQRDMNEAEAFDVNAA
IHGNWTIENAKERLNIYKQTNNIRDDYKYTPVGPEHARSFLAELSIYVPALNRTVTARESGSNKKSASKSCALSLVRQLF
HLNVIEPFSGTLKKKKDEQLKPYP
;
A,B
2 'polyribonucleotide' (GTP)CUUUAGAGAUCGUUUCGAAUCACAUUGAUAAUCGUUCGAAACGUUCUCCGAAGC C
#
# COMPACT_ATOMS: atom_id res chain seq x y z
N MET A 1 -5.63 20.30 4.79
CA MET A 1 -5.53 19.44 3.61
C MET A 1 -4.07 19.14 3.35
N ASP A 2 -3.82 18.26 2.39
CA ASP A 2 -2.48 17.88 2.02
C ASP A 2 -2.10 18.57 0.72
N ILE A 3 -0.84 19.02 0.64
CA ILE A 3 -0.42 19.85 -0.48
C ILE A 3 -0.47 19.07 -1.79
N LYS A 4 -0.07 17.81 -1.78
CA LYS A 4 -0.10 17.05 -3.03
C LYS A 4 -1.53 16.67 -3.41
N SER A 5 -2.37 16.35 -2.43
CA SER A 5 -3.78 16.18 -2.72
C SER A 5 -4.34 17.45 -3.36
N PHE A 6 -3.93 18.61 -2.85
CA PHE A 6 -4.48 19.87 -3.32
C PHE A 6 -4.13 20.13 -4.79
N LEU A 7 -2.88 19.90 -5.18
CA LEU A 7 -2.52 20.17 -6.57
C LEU A 7 -3.24 19.22 -7.53
N TYR A 8 -3.27 17.91 -7.21
CA TYR A 8 -4.06 16.99 -8.01
C TYR A 8 -5.50 17.44 -8.12
N GLN A 9 -6.05 18.01 -7.04
CA GLN A 9 -7.43 18.47 -7.07
C GLN A 9 -7.57 19.71 -7.94
N PHE A 10 -6.50 20.50 -8.04
CA PHE A 10 -6.52 21.68 -8.90
C PHE A 10 -6.51 21.28 -10.37
N CYS A 11 -5.70 20.28 -10.73
CA CYS A 11 -5.66 19.79 -12.10
C CYS A 11 -6.89 19.00 -12.47
N ALA A 12 -7.48 18.28 -11.51
CA ALA A 12 -8.62 17.41 -11.81
C ALA A 12 -9.70 18.15 -12.56
N LYS A 13 -9.85 19.44 -12.28
CA LYS A 13 -10.74 20.30 -13.06
C LYS A 13 -10.56 20.07 -14.56
N SER A 14 -9.30 20.08 -15.01
CA SER A 14 -8.96 20.10 -16.43
C SER A 14 -8.65 18.73 -17.02
N GLN A 15 -8.99 17.65 -16.32
CA GLN A 15 -8.81 16.26 -16.74
C GLN A 15 -7.34 15.87 -16.94
N ILE A 16 -6.39 16.71 -16.53
CA ILE A 16 -4.97 16.40 -16.61
C ILE A 16 -4.46 16.01 -15.22
N GLU A 17 -3.23 15.53 -15.16
CA GLU A 17 -2.57 15.19 -13.92
C GLU A 17 -1.17 15.77 -13.89
N PRO A 18 -0.65 16.09 -12.70
CA PRO A 18 0.76 16.53 -12.63
C PRO A 18 1.70 15.41 -13.04
N LYS A 19 2.78 15.78 -13.73
CA LYS A 19 3.75 14.84 -14.30
C LYS A 19 5.06 15.00 -13.53
N PHE A 20 5.31 14.06 -12.61
CA PHE A 20 6.48 14.11 -11.76
C PHE A 20 7.64 13.35 -12.39
N ASP A 21 8.84 13.90 -12.21
CA ASP A 21 10.09 13.23 -12.51
C ASP A 21 10.91 13.27 -11.22
N ILE A 22 11.76 12.26 -11.03
CA ILE A 22 12.54 12.17 -9.80
C ILE A 22 13.85 11.43 -10.09
N ARG A 23 14.92 11.87 -9.40
CA ARG A 23 16.28 11.35 -9.56
C ARG A 23 17.02 11.45 -8.23
N GLN A 24 17.67 10.36 -7.81
CA GLN A 24 18.50 10.34 -6.60
C GLN A 24 19.91 10.83 -6.90
N THR A 25 20.57 11.46 -5.88
CA THR A 25 21.80 12.20 -6.14
C THR A 25 22.90 12.16 -5.08
N GLY A 26 22.71 11.58 -3.91
CA GLY A 26 23.68 11.79 -2.85
C GLY A 26 24.65 10.67 -2.64
N PRO A 27 25.46 10.76 -1.60
CA PRO A 27 26.17 9.58 -1.11
C PRO A 27 25.15 8.50 -0.77
N LYS A 28 25.54 7.24 -0.95
CA LYS A 28 24.49 6.25 -0.88
C LYS A 28 23.96 6.04 0.56
N ASN A 29 24.42 6.82 1.56
CA ASN A 29 23.96 6.68 2.93
C ASN A 29 23.32 7.95 3.51
N ARG A 30 23.57 9.12 2.93
CA ARG A 30 22.72 10.28 3.15
C ARG A 30 22.27 10.74 1.77
N GLN A 31 21.54 9.88 1.10
CA GLN A 31 21.09 10.13 -0.26
C GLN A 31 19.93 11.11 -0.26
N ARG A 32 19.92 11.97 -1.28
CA ARG A 32 18.96 13.06 -1.44
C ARG A 32 18.18 12.85 -2.74
N PHE A 33 16.89 13.19 -2.74
CA PHE A 33 16.03 12.98 -3.90
C PHE A 33 15.57 14.30 -4.52
N LEU A 34 15.83 14.45 -5.83
CA LEU A 34 15.46 15.64 -6.61
C LEU A 34 14.19 15.35 -7.38
N CYS A 35 13.18 16.18 -7.17
CA CYS A 35 11.88 15.95 -7.76
C CYS A 35 11.43 17.17 -8.52
N GLU A 36 10.94 16.98 -9.74
CA GLU A 36 10.31 18.03 -10.51
C GLU A 36 8.87 17.64 -10.79
N VAL A 37 8.04 18.62 -11.12
CA VAL A 37 6.63 18.36 -11.47
C VAL A 37 6.19 19.38 -12.49
N ARG A 38 5.57 18.91 -13.59
CA ARG A 38 4.94 19.77 -14.58
C ARG A 38 3.43 19.59 -14.51
N VAL A 39 2.69 20.65 -14.86
CA VAL A 39 1.29 20.51 -15.28
C VAL A 39 1.06 21.38 -16.50
N GLU A 40 0.44 20.80 -17.53
CA GLU A 40 0.01 21.56 -18.69
C GLU A 40 -1.14 22.43 -18.23
N PRO A 41 -1.41 23.54 -18.92
CA PRO A 41 -0.71 24.28 -19.98
C PRO A 41 0.64 24.95 -19.62
N ASN A 42 1.11 24.86 -18.38
CA ASN A 42 2.20 25.73 -17.93
C ASN A 42 3.58 25.19 -18.32
N THR A 43 4.48 26.15 -18.55
CA THR A 43 5.87 25.87 -18.89
C THR A 43 6.76 25.71 -17.67
N TYR A 44 6.37 26.25 -16.51
CA TYR A 44 7.24 26.27 -15.35
C TYR A 44 7.29 24.90 -14.67
N ILE A 45 8.49 24.52 -14.22
CA ILE A 45 8.76 23.24 -13.59
C ILE A 45 9.07 23.47 -12.12
N GLY A 46 8.25 22.86 -11.24
CA GLY A 46 8.44 23.02 -9.80
C GLY A 46 9.30 21.92 -9.21
N VAL A 47 10.26 22.32 -8.37
CA VAL A 47 11.31 21.41 -7.92
C VAL A 47 11.26 21.28 -6.40
N GLY A 48 11.74 20.13 -5.90
CA GLY A 48 11.84 19.91 -4.48
C GLY A 48 12.82 18.81 -4.14
N ASN A 49 13.48 18.96 -2.98
CA ASN A 49 14.46 18.00 -2.48
C ASN A 49 13.99 17.44 -1.14
N SER A 50 14.47 16.23 -0.82
CA SER A 50 14.36 15.68 0.52
C SER A 50 15.21 14.42 0.58
N THR A 51 15.24 13.82 1.76
CA THR A 51 15.95 12.56 1.99
C THR A 51 15.09 11.35 1.64
N ASN A 52 13.89 11.57 1.14
CA ASN A 52 12.97 10.50 0.77
C ASN A 52 12.07 11.06 -0.33
N LYS A 53 11.47 10.18 -1.15
CA LYS A 53 10.83 10.74 -2.34
C LYS A 53 9.41 11.27 -2.05
N LYS A 54 8.68 10.69 -1.10
CA LYS A 54 7.36 11.22 -0.76
C LYS A 54 7.44 12.70 -0.39
N ASP A 55 8.42 13.06 0.44
CA ASP A 55 8.59 14.45 0.86
C ASP A 55 9.09 15.30 -0.28
N ALA A 56 10.01 14.75 -1.09
CA ALA A 56 10.49 15.51 -2.23
C ALA A 56 9.35 15.83 -3.18
N GLU A 57 8.36 14.93 -3.27
CA GLU A 57 7.21 15.17 -4.12
C GLU A 57 6.43 16.39 -3.63
N LYS A 58 6.32 16.56 -2.30
CA LYS A 58 5.44 17.58 -1.76
C LYS A 58 6.12 18.94 -1.78
N ASN A 59 7.42 18.98 -1.48
CA ASN A 59 8.18 20.21 -1.58
C ASN A 59 8.10 20.78 -2.99
N ALA A 60 8.20 19.89 -3.99
CA ALA A 60 7.98 20.27 -5.38
C ALA A 60 6.57 20.81 -5.58
N CYS A 61 5.57 20.09 -5.06
CA CYS A 61 4.18 20.51 -5.14
C CYS A 61 3.96 21.91 -4.57
N ARG A 62 4.45 22.16 -3.35
CA ARG A 62 4.24 23.47 -2.76
C ARG A 62 4.92 24.55 -3.59
N ASP A 63 6.04 24.22 -4.25
CA ASP A 63 6.72 25.20 -5.07
C ASP A 63 5.95 25.45 -6.37
N PHE A 64 5.22 24.45 -6.88
CA PHE A 64 4.36 24.73 -8.02
C PHE A 64 3.15 25.55 -7.59
N VAL A 65 2.68 25.33 -6.36
CA VAL A 65 1.58 26.13 -5.83
C VAL A 65 2.05 27.56 -5.57
N ASN A 66 3.29 27.72 -5.10
CA ASN A 66 3.87 29.04 -4.96
C ASN A 66 3.89 29.77 -6.30
N TYR A 67 4.21 29.05 -7.38
CA TYR A 67 4.27 29.68 -8.71
C TYR A 67 2.90 30.13 -9.17
N LEU A 68 1.87 29.31 -8.96
CA LEU A 68 0.52 29.71 -9.35
C LEU A 68 -0.04 30.79 -8.43
N VAL A 69 0.38 30.80 -7.16
CA VAL A 69 0.16 31.98 -6.34
C VAL A 69 0.90 33.18 -6.94
N ARG A 70 2.16 32.97 -7.36
CA ARG A 70 3.03 34.06 -7.82
C ARG A 70 2.62 34.62 -9.17
N VAL A 71 2.12 33.80 -10.10
CA VAL A 71 1.55 34.30 -11.35
C VAL A 71 0.05 34.55 -11.21
N GLY A 72 -0.47 34.55 -9.99
CA GLY A 72 -1.84 34.95 -9.74
C GLY A 72 -2.89 34.00 -10.26
N LYS A 73 -2.52 32.76 -10.59
CA LYS A 73 -3.50 31.75 -10.96
C LYS A 73 -4.21 31.18 -9.74
N LEU A 74 -3.75 31.51 -8.53
CA LEU A 74 -4.37 31.11 -7.28
C LEU A 74 -4.14 32.20 -6.24
N ASN A 75 -5.09 32.34 -5.34
CA ASN A 75 -4.97 33.27 -4.24
C ASN A 75 -4.43 32.55 -3.01
N THR A 76 -3.73 33.30 -2.17
CA THR A 76 -3.10 32.76 -0.98
C THR A 76 -4.11 32.18 0.02
N ASN A 77 -5.36 32.63 -0.01
CA ASN A 77 -6.36 32.16 0.95
C ASN A 77 -6.85 30.74 0.65
N ASP A 78 -6.85 30.32 -0.62
CA ASP A 78 -7.27 28.98 -1.00
C ASP A 78 -6.22 27.91 -0.69
N VAL A 79 -5.10 28.28 -0.08
CA VAL A 79 -3.98 27.37 0.14
C VAL A 79 -3.90 27.04 1.63
N PRO A 80 -3.56 25.80 2.00
CA PRO A 80 -3.41 25.47 3.44
C PRO A 80 -1.96 25.26 3.85
N ALA A 81 -1.74 25.04 5.15
CA ALA A 81 -0.44 24.65 5.70
C ALA A 81 0.73 25.51 5.21
N ILE A 161 -20.94 -15.88 -20.58
CA ILE A 161 -22.11 -15.06 -20.29
C ILE A 161 -23.33 -15.92 -19.93
N HIS A 162 -23.55 -16.08 -18.62
CA HIS A 162 -24.75 -16.75 -18.10
C HIS A 162 -25.86 -15.71 -17.99
N GLY A 163 -26.44 -15.37 -19.13
CA GLY A 163 -27.41 -14.30 -19.12
C GLY A 163 -26.79 -12.94 -18.91
N ASN A 164 -25.61 -12.70 -19.47
CA ASN A 164 -24.95 -11.40 -19.49
C ASN A 164 -24.91 -10.74 -18.12
N TRP A 165 -24.37 -11.49 -17.17
CA TRP A 165 -24.06 -11.00 -15.83
C TRP A 165 -22.58 -11.26 -15.57
N THR A 166 -21.82 -10.21 -15.28
CA THR A 166 -20.39 -10.39 -15.02
C THR A 166 -19.94 -9.46 -13.88
N ILE A 167 -18.61 -9.34 -13.72
CA ILE A 167 -18.06 -8.68 -12.53
C ILE A 167 -18.30 -7.18 -12.58
N GLU A 168 -18.29 -6.58 -13.78
CA GLU A 168 -18.59 -5.17 -13.89
C GLU A 168 -20.00 -4.87 -13.40
N ASN A 169 -20.93 -5.84 -13.56
CA ASN A 169 -22.33 -5.55 -13.36
C ASN A 169 -23.00 -6.30 -12.21
N ALA A 170 -22.43 -7.42 -11.75
CA ALA A 170 -23.14 -8.25 -10.77
C ALA A 170 -23.27 -7.56 -9.43
N LYS A 171 -22.18 -7.01 -8.90
CA LYS A 171 -22.22 -6.47 -7.54
C LYS A 171 -23.25 -5.36 -7.41
N GLU A 172 -23.19 -4.38 -8.32
CA GLU A 172 -24.22 -3.35 -8.39
C GLU A 172 -25.61 -3.95 -8.44
N ARG A 173 -25.78 -4.97 -9.29
CA ARG A 173 -27.08 -5.63 -9.40
C ARG A 173 -27.51 -6.27 -8.09
N LEU A 174 -26.61 -7.03 -7.45
CA LEU A 174 -27.03 -7.71 -6.22
C LEU A 174 -27.37 -6.68 -5.16
N ASN A 175 -26.63 -5.57 -5.15
CA ASN A 175 -26.95 -4.48 -4.25
C ASN A 175 -28.40 -4.09 -4.39
N ILE A 176 -28.86 -3.85 -5.62
CA ILE A 176 -30.27 -3.51 -5.84
C ILE A 176 -31.17 -4.57 -5.22
N TYR A 177 -30.92 -5.84 -5.54
CA TYR A 177 -31.68 -6.93 -4.93
C TYR A 177 -31.64 -6.85 -3.41
N LYS A 178 -30.44 -6.61 -2.86
CA LYS A 178 -30.31 -6.55 -1.40
C LYS A 178 -31.18 -5.44 -0.83
N GLN A 179 -31.08 -4.24 -1.39
CA GLN A 179 -31.90 -3.13 -0.92
C GLN A 179 -33.39 -3.42 -1.08
N THR A 180 -33.78 -4.04 -2.20
CA THR A 180 -35.20 -4.22 -2.50
C THR A 180 -35.85 -5.20 -1.54
N ASN A 181 -35.13 -6.25 -1.13
CA ASN A 181 -35.68 -7.26 -0.24
C ASN A 181 -35.15 -7.12 1.19
N ASN A 182 -34.61 -5.95 1.54
CA ASN A 182 -34.23 -5.62 2.90
C ASN A 182 -33.38 -6.73 3.50
N ILE A 183 -32.35 -7.12 2.74
CA ILE A 183 -31.44 -8.19 3.13
C ILE A 183 -30.27 -7.50 3.82
N ARG A 184 -30.43 -7.23 5.10
CA ARG A 184 -29.46 -6.38 5.77
C ARG A 184 -28.13 -7.09 6.04
N ASP A 185 -28.06 -8.42 5.87
CA ASP A 185 -26.78 -9.12 6.01
C ASP A 185 -25.76 -8.61 5.00
N ASP A 186 -24.50 -8.81 5.33
CA ASP A 186 -23.43 -8.28 4.49
C ASP A 186 -22.31 -9.31 4.36
N TYR A 187 -21.37 -9.01 3.47
CA TYR A 187 -20.29 -9.92 3.14
C TYR A 187 -19.43 -10.16 4.37
N LYS A 188 -19.13 -11.42 4.64
CA LYS A 188 -18.14 -11.78 5.64
C LYS A 188 -16.83 -12.09 4.91
N TYR A 189 -15.72 -11.52 5.40
CA TYR A 189 -14.43 -11.73 4.76
C TYR A 189 -13.52 -12.58 5.64
N THR A 190 -12.70 -13.42 5.00
CA THR A 190 -11.69 -14.12 5.76
C THR A 190 -10.36 -13.91 5.07
N PRO A 191 -9.28 -13.70 5.82
CA PRO A 191 -7.98 -13.47 5.20
C PRO A 191 -7.39 -14.75 4.63
N VAL A 192 -6.65 -14.60 3.57
CA VAL A 192 -5.94 -15.70 2.93
C VAL A 192 -4.49 -15.30 2.80
N GLY A 193 -3.58 -16.24 3.06
CA GLY A 193 -2.19 -16.05 2.76
C GLY A 193 -1.54 -15.05 3.69
N PRO A 194 -0.25 -14.82 3.54
CA PRO A 194 0.46 -13.99 4.50
C PRO A 194 0.13 -12.53 4.31
N GLU A 195 0.52 -11.71 5.31
CA GLU A 195 0.16 -10.29 5.26
C GLU A 195 0.78 -9.57 4.07
N HIS A 196 1.98 -9.95 3.66
CA HIS A 196 2.66 -9.36 2.50
C HIS A 196 2.14 -9.91 1.18
N ALA A 197 1.19 -10.83 1.21
CA ALA A 197 0.55 -11.34 0.01
C ALA A 197 -0.89 -11.67 0.35
N ARG A 198 -1.60 -10.71 0.95
CA ARG A 198 -2.92 -10.99 1.48
C ARG A 198 -3.92 -10.97 0.36
N SER A 199 -4.82 -11.94 0.40
CA SER A 199 -6.04 -11.99 -0.40
C SER A 199 -7.21 -12.32 0.53
N PHE A 200 -8.41 -12.52 -0.04
CA PHE A 200 -9.59 -12.62 0.79
C PHE A 200 -10.58 -13.57 0.15
N LEU A 201 -11.48 -14.04 1.00
CA LEU A 201 -12.70 -14.69 0.58
C LEU A 201 -13.86 -13.79 0.99
N ALA A 202 -14.84 -13.67 0.13
CA ALA A 202 -16.06 -12.97 0.46
C ALA A 202 -17.20 -13.98 0.48
N GLU A 203 -18.00 -13.96 1.55
CA GLU A 203 -19.07 -14.94 1.73
C GLU A 203 -20.38 -14.22 1.97
N LEU A 204 -21.44 -14.64 1.26
CA LEU A 204 -22.75 -14.08 1.53
C LEU A 204 -23.80 -15.09 1.14
N SER A 205 -24.90 -15.15 1.90
CA SER A 205 -26.00 -16.02 1.56
C SER A 205 -27.30 -15.23 1.55
N ILE A 206 -28.09 -15.40 0.51
CA ILE A 206 -29.40 -14.78 0.39
C ILE A 206 -30.46 -15.86 0.50
N TYR A 207 -31.39 -15.67 1.43
CA TYR A 207 -32.55 -16.53 1.52
C TYR A 207 -33.64 -15.96 0.62
N VAL A 208 -34.29 -16.85 -0.13
CA VAL A 208 -35.33 -16.48 -1.10
C VAL A 208 -36.64 -17.10 -0.64
N PRO A 209 -37.45 -16.36 0.14
CA PRO A 209 -38.69 -16.94 0.69
C PRO A 209 -39.62 -17.48 -0.38
N ALA A 210 -39.68 -16.80 -1.52
CA ALA A 210 -40.53 -17.27 -2.63
C ALA A 210 -40.32 -18.75 -2.90
N LEU A 211 -39.06 -19.18 -2.99
CA LEU A 211 -38.75 -20.57 -3.26
C LEU A 211 -38.37 -21.35 -2.02
N ASN A 212 -38.38 -20.71 -0.85
CA ASN A 212 -37.96 -21.32 0.41
C ASN A 212 -36.59 -22.00 0.27
N ARG A 213 -35.56 -21.17 0.18
CA ARG A 213 -34.33 -21.67 -0.42
C ARG A 213 -33.19 -20.68 -0.37
N THR A 214 -32.00 -21.10 0.06
CA THR A 214 -30.85 -20.20 0.20
C THR A 214 -29.83 -20.45 -0.91
N VAL A 215 -29.38 -19.38 -1.54
CA VAL A 215 -28.20 -19.42 -2.38
C VAL A 215 -27.06 -18.80 -1.61
N THR A 216 -25.84 -19.30 -1.84
CA THR A 216 -24.68 -18.82 -1.11
C THR A 216 -23.45 -18.90 -2.01
N ALA A 217 -22.45 -18.08 -1.69
CA ALA A 217 -21.20 -18.08 -2.43
C ALA A 217 -20.05 -17.75 -1.49
N ARG A 218 -18.89 -18.32 -1.78
CA ARG A 218 -17.64 -17.95 -1.09
C ARG A 218 -16.56 -17.90 -2.18
N GLU A 219 -16.19 -16.70 -2.58
CA GLU A 219 -15.27 -16.54 -3.70
C GLU A 219 -14.06 -15.73 -3.27
N SER A 220 -12.93 -16.06 -3.88
CA SER A 220 -11.66 -15.43 -3.57
C SER A 220 -11.52 -14.12 -4.35
N GLY A 221 -10.61 -13.30 -3.89
CA GLY A 221 -10.34 -12.04 -4.54
C GLY A 221 -9.06 -11.47 -3.98
N SER A 222 -8.43 -10.59 -4.76
CA SER A 222 -7.15 -10.02 -4.35
C SER A 222 -7.31 -9.06 -3.19
N ASN A 223 -8.50 -8.48 -3.05
CA ASN A 223 -8.83 -7.65 -1.92
C ASN A 223 -10.30 -7.87 -1.61
N LYS A 224 -10.77 -7.24 -0.54
CA LYS A 224 -12.17 -7.41 -0.16
C LYS A 224 -13.10 -6.98 -1.28
N LYS A 225 -12.84 -5.81 -1.86
CA LYS A 225 -13.73 -5.32 -2.91
C LYS A 225 -13.82 -6.33 -4.03
N SER A 226 -12.67 -6.69 -4.60
CA SER A 226 -12.57 -7.72 -5.62
C SER A 226 -13.27 -9.02 -5.21
N ALA A 227 -12.99 -9.49 -3.99
CA ALA A 227 -13.61 -10.70 -3.51
C ALA A 227 -15.13 -10.54 -3.44
N SER A 228 -15.60 -9.41 -2.93
CA SER A 228 -17.05 -9.21 -2.80
C SER A 228 -17.76 -9.23 -4.15
N LYS A 229 -17.06 -8.85 -5.23
CA LYS A 229 -17.74 -8.84 -6.53
C LYS A 229 -17.87 -10.25 -7.11
N SER A 230 -16.78 -11.04 -7.07
CA SER A 230 -16.90 -12.42 -7.51
C SER A 230 -17.89 -13.19 -6.66
N CYS A 231 -17.99 -12.86 -5.37
CA CYS A 231 -19.06 -13.39 -4.55
C CYS A 231 -20.43 -12.96 -5.10
N ALA A 232 -20.64 -11.65 -5.26
CA ALA A 232 -21.91 -11.18 -5.80
C ALA A 232 -22.19 -11.75 -7.18
N LEU A 233 -21.15 -11.93 -7.98
CA LEU A 233 -21.32 -12.54 -9.30
C LEU A 233 -21.86 -13.96 -9.19
N SER A 234 -21.27 -14.76 -8.31
CA SER A 234 -21.79 -16.10 -8.11
C SER A 234 -23.24 -16.06 -7.67
N LEU A 235 -23.60 -15.12 -6.79
CA LEU A 235 -24.95 -15.05 -6.26
C LEU A 235 -25.94 -14.57 -7.31
N VAL A 236 -25.57 -13.56 -8.10
CA VAL A 236 -26.52 -13.09 -9.11
C VAL A 236 -26.77 -14.18 -10.14
N ARG A 237 -25.72 -14.91 -10.51
CA ARG A 237 -25.87 -15.96 -11.53
C ARG A 237 -26.81 -17.05 -11.06
N GLN A 238 -26.62 -17.54 -9.83
CA GLN A 238 -27.53 -18.52 -9.29
C GLN A 238 -28.96 -17.97 -9.24
N LEU A 239 -29.10 -16.68 -8.86
CA LEU A 239 -30.44 -16.09 -8.76
C LEU A 239 -31.04 -15.83 -10.14
N PHE A 240 -30.20 -15.51 -11.12
CA PHE A 240 -30.67 -15.50 -12.49
C PHE A 240 -31.23 -16.87 -12.87
N HIS A 241 -30.45 -17.93 -12.65
CA HIS A 241 -30.84 -19.30 -13.01
C HIS A 241 -32.09 -19.78 -12.28
N LEU A 242 -32.72 -18.94 -11.49
CA LEU A 242 -33.96 -19.27 -10.78
C LEU A 242 -35.09 -18.31 -11.11
N ASN A 243 -34.95 -17.51 -12.16
CA ASN A 243 -35.97 -16.53 -12.57
C ASN A 243 -36.41 -15.66 -11.39
N VAL A 244 -35.48 -15.37 -10.47
CA VAL A 244 -35.67 -14.29 -9.51
C VAL A 244 -34.99 -13.02 -9.98
N ILE A 245 -34.21 -13.07 -11.06
CA ILE A 245 -33.49 -11.91 -11.60
C ILE A 245 -33.47 -12.00 -13.13
N GLU A 246 -33.68 -10.84 -13.79
CA GLU A 246 -33.60 -10.62 -15.24
C GLU A 246 -32.18 -10.86 -15.76
N PRO A 247 -31.82 -10.40 -16.98
CA PRO A 247 -30.40 -10.40 -17.36
C PRO A 247 -29.78 -9.04 -17.71
N MET B 1 7.56 -13.01 -5.54
CA MET B 1 7.96 -11.62 -5.77
C MET B 1 7.40 -11.05 -7.06
N ASP B 2 6.88 -9.82 -6.97
CA ASP B 2 6.19 -9.21 -8.08
C ASP B 2 7.20 -8.56 -9.03
N ILE B 3 6.75 -8.43 -10.29
CA ILE B 3 7.67 -8.13 -11.40
C ILE B 3 8.39 -6.82 -11.22
N LYS B 4 7.78 -5.84 -10.56
CA LYS B 4 8.41 -4.53 -10.48
C LYS B 4 9.40 -4.45 -9.32
N SER B 5 9.04 -5.00 -8.16
CA SER B 5 10.04 -5.14 -7.11
C SER B 5 11.26 -5.87 -7.66
N PHE B 6 11.03 -6.90 -8.48
CA PHE B 6 12.12 -7.65 -9.09
C PHE B 6 13.03 -6.72 -9.87
N LEU B 7 12.47 -5.94 -10.79
CA LEU B 7 13.24 -4.99 -11.55
C LEU B 7 14.04 -4.05 -10.65
N TYR B 8 13.44 -3.61 -9.55
CA TYR B 8 14.18 -2.75 -8.64
C TYR B 8 15.30 -3.50 -7.95
N GLN B 9 15.01 -4.70 -7.44
CA GLN B 9 16.03 -5.49 -6.75
C GLN B 9 17.14 -5.95 -7.70
N PHE B 10 16.86 -6.00 -9.01
CA PHE B 10 17.93 -6.22 -9.99
C PHE B 10 18.71 -4.95 -10.28
N CYS B 11 18.10 -3.78 -10.10
CA CYS B 11 18.84 -2.54 -10.33
C CYS B 11 19.68 -2.14 -9.13
N ALA B 12 19.20 -2.44 -7.91
CA ALA B 12 20.00 -2.17 -6.73
C ALA B 12 21.35 -2.85 -6.82
N LYS B 13 21.44 -3.98 -7.54
CA LYS B 13 22.69 -4.65 -7.81
C LYS B 13 23.68 -3.78 -8.58
N SER B 14 23.31 -2.53 -8.92
CA SER B 14 24.23 -1.60 -9.56
C SER B 14 24.10 -0.18 -9.02
N GLN B 15 23.36 0.02 -7.92
CA GLN B 15 23.06 1.35 -7.40
C GLN B 15 22.50 2.28 -8.50
N ILE B 16 21.84 1.68 -9.50
CA ILE B 16 21.09 2.41 -10.50
C ILE B 16 19.61 2.19 -10.19
N GLU B 17 18.76 3.06 -10.73
CA GLU B 17 17.33 3.09 -10.41
C GLU B 17 16.47 3.13 -11.67
N PRO B 18 15.38 2.35 -11.75
CA PRO B 18 14.48 2.49 -12.90
C PRO B 18 13.91 3.90 -12.99
N LYS B 19 13.37 4.25 -14.15
CA LYS B 19 12.79 5.59 -14.34
C LYS B 19 11.51 5.43 -15.11
N PHE B 20 10.41 5.86 -14.51
CA PHE B 20 9.08 5.70 -15.09
C PHE B 20 8.54 7.02 -15.59
N ASP B 21 7.69 6.92 -16.60
CA ASP B 21 7.01 8.07 -17.18
C ASP B 21 5.60 7.61 -17.50
N ILE B 22 4.62 8.25 -16.89
CA ILE B 22 3.25 7.82 -17.00
C ILE B 22 2.40 8.97 -17.51
N ARG B 23 1.32 8.62 -18.17
CA ARG B 23 0.54 9.49 -19.04
C ARG B 23 -0.84 8.86 -19.15
N GLN B 24 -1.89 9.68 -19.24
CA GLN B 24 -3.21 9.14 -19.56
C GLN B 24 -3.49 9.24 -21.05
N THR B 25 -4.53 8.53 -21.48
CA THR B 25 -4.78 8.36 -22.91
C THR B 25 -6.20 8.67 -23.32
N GLY B 26 -7.12 7.72 -23.11
CA GLY B 26 -8.48 7.87 -23.58
C GLY B 26 -9.26 8.97 -22.87
N PRO B 27 -10.46 9.28 -23.38
CA PRO B 27 -11.31 10.33 -22.76
C PRO B 27 -12.22 9.80 -21.65
N LYS B 28 -13.07 10.68 -21.10
CA LYS B 28 -13.68 10.45 -19.78
C LYS B 28 -14.40 9.10 -19.70
N ASN B 29 -15.08 8.69 -20.78
CA ASN B 29 -15.83 7.44 -20.79
C ASN B 29 -14.96 6.22 -21.09
N ARG B 30 -13.65 6.38 -21.28
CA ARG B 30 -12.75 5.27 -21.57
C ARG B 30 -11.29 5.70 -21.51
N GLN B 31 -10.81 6.05 -20.32
CA GLN B 31 -9.46 6.59 -20.14
C GLN B 31 -8.49 5.50 -19.71
N ARG B 32 -7.27 5.54 -20.25
CA ARG B 32 -6.28 4.49 -20.02
C ARG B 32 -4.95 5.11 -19.61
N PHE B 33 -3.99 4.26 -19.23
CA PHE B 33 -2.69 4.71 -18.77
C PHE B 33 -1.58 4.07 -19.57
N LEU B 34 -0.65 4.89 -20.05
CA LEU B 34 0.52 4.44 -20.80
C LEU B 34 1.75 4.70 -19.95
N CYS B 35 2.51 3.64 -19.68
CA CYS B 35 3.70 3.70 -18.86
C CYS B 35 4.92 3.29 -19.68
N GLU B 36 5.97 4.10 -19.60
CA GLU B 36 7.26 3.80 -20.23
C GLU B 36 8.32 3.70 -19.14
N VAL B 37 9.32 2.86 -19.36
CA VAL B 37 10.31 2.57 -18.32
C VAL B 37 11.68 2.40 -18.96
N ARG B 38 12.70 2.99 -18.33
CA ARG B 38 14.08 2.89 -18.79
C ARG B 38 15.00 2.55 -17.64
N VAL B 39 15.98 1.69 -17.92
CA VAL B 39 17.07 1.41 -17.00
C VAL B 39 18.38 1.72 -17.72
N GLU B 40 19.02 2.83 -17.35
CA GLU B 40 20.34 3.20 -17.87
C GLU B 40 21.37 2.07 -17.70
N PRO B 41 22.21 1.84 -18.72
CA PRO B 41 22.32 2.59 -19.99
C PRO B 41 21.38 2.12 -21.11
N ASN B 42 20.79 0.94 -20.93
CA ASN B 42 20.01 0.25 -21.96
C ASN B 42 19.09 1.21 -22.72
N THR B 43 19.22 1.18 -24.05
CA THR B 43 18.39 2.03 -24.91
C THR B 43 16.92 1.58 -24.91
N TYR B 44 16.63 0.36 -24.47
CA TYR B 44 15.29 -0.20 -24.60
C TYR B 44 14.27 0.56 -23.76
N ILE B 45 13.09 0.71 -24.33
CA ILE B 45 11.96 1.30 -23.60
C ILE B 45 10.94 0.17 -23.34
N GLY B 46 10.64 -0.05 -22.07
CA GLY B 46 9.56 -0.93 -21.71
C GLY B 46 8.24 -0.17 -21.78
N VAL B 47 7.22 -0.84 -22.31
CA VAL B 47 5.93 -0.22 -22.56
C VAL B 47 4.85 -1.14 -22.00
N GLY B 48 4.01 -0.60 -21.14
CA GLY B 48 2.82 -1.28 -20.73
C GLY B 48 1.67 -0.30 -20.69
N ASN B 49 0.46 -0.85 -20.55
CA ASN B 49 -0.68 0.03 -20.49
C ASN B 49 -1.86 -0.75 -19.90
N SER B 50 -2.80 0.00 -19.34
CA SER B 50 -4.04 -0.60 -18.86
C SER B 50 -4.98 0.48 -18.35
N THR B 51 -6.06 0.02 -17.71
CA THR B 51 -7.03 0.93 -17.14
C THR B 51 -6.51 1.63 -15.90
N ASN B 52 -5.50 1.09 -15.23
CA ASN B 52 -5.02 1.67 -13.98
C ASN B 52 -3.49 1.73 -13.99
N LYS B 53 -2.96 2.64 -13.14
CA LYS B 53 -1.53 2.97 -13.17
C LYS B 53 -0.67 1.78 -12.77
N LYS B 54 -0.93 1.20 -11.60
CA LYS B 54 -0.12 0.09 -11.12
C LYS B 54 0.04 -1.03 -12.15
N ASP B 55 -1.08 -1.44 -12.75
CA ASP B 55 -0.99 -2.49 -13.76
C ASP B 55 -0.28 -1.99 -15.00
N ALA B 56 -0.33 -0.69 -15.29
CA ALA B 56 0.40 -0.18 -16.44
C ALA B 56 1.91 -0.22 -16.21
N GLU B 57 2.36 -0.02 -14.97
CA GLU B 57 3.79 -0.08 -14.69
C GLU B 57 4.28 -1.51 -14.56
N LYS B 58 3.46 -2.41 -13.99
CA LYS B 58 3.85 -3.80 -13.99
C LYS B 58 4.02 -4.33 -15.40
N ASN B 59 3.09 -3.98 -16.30
CA ASN B 59 3.25 -4.36 -17.69
C ASN B 59 4.53 -3.78 -18.27
N ALA B 60 4.83 -2.50 -17.97
CA ALA B 60 6.06 -1.90 -18.49
C ALA B 60 7.30 -2.61 -17.94
N CYS B 61 7.27 -3.03 -16.67
CA CYS B 61 8.36 -3.82 -16.13
C CYS B 61 8.48 -5.17 -16.82
N ARG B 62 7.38 -5.93 -16.86
CA ARG B 62 7.38 -7.25 -17.49
C ARG B 62 7.92 -7.18 -18.89
N ASP B 63 7.60 -6.09 -19.61
CA ASP B 63 8.12 -5.93 -20.95
C ASP B 63 9.63 -5.71 -20.89
N PHE B 64 10.07 -4.82 -19.99
CA PHE B 64 11.50 -4.54 -19.89
C PHE B 64 12.27 -5.79 -19.49
N VAL B 65 11.75 -6.53 -18.51
CA VAL B 65 12.47 -7.72 -18.06
C VAL B 65 12.50 -8.77 -19.18
N ASN B 66 11.39 -8.92 -19.89
CA ASN B 66 11.38 -9.78 -21.08
C ASN B 66 12.47 -9.38 -22.05
N TYR B 67 12.76 -8.09 -22.13
CA TYR B 67 13.85 -7.63 -22.97
C TYR B 67 15.18 -8.09 -22.41
N LEU B 68 15.39 -7.90 -21.11
CA LEU B 68 16.67 -8.23 -20.50
C LEU B 68 17.01 -9.70 -20.66
N VAL B 69 15.99 -10.58 -20.66
CA VAL B 69 16.29 -11.99 -20.89
C VAL B 69 16.66 -12.23 -22.35
N ARG B 70 15.95 -11.59 -23.30
CA ARG B 70 16.28 -11.75 -24.70
C ARG B 70 17.71 -11.32 -24.97
N VAL B 71 18.19 -10.28 -24.28
CA VAL B 71 19.51 -9.71 -24.52
C VAL B 71 20.56 -10.29 -23.59
N GLY B 72 20.18 -11.20 -22.70
CA GLY B 72 21.15 -12.03 -22.00
C GLY B 72 21.64 -11.51 -20.66
N LYS B 73 21.02 -10.46 -20.12
CA LYS B 73 21.36 -9.96 -18.80
C LYS B 73 20.63 -10.71 -17.70
N LEU B 74 19.57 -11.45 -18.03
CA LEU B 74 18.81 -12.27 -17.08
C LEU B 74 18.48 -13.61 -17.74
N ASN B 75 18.12 -14.58 -16.91
CA ASN B 75 17.78 -15.92 -17.36
C ASN B 75 16.37 -16.26 -16.85
N THR B 76 15.52 -16.77 -17.75
CA THR B 76 14.10 -17.03 -17.53
C THR B 76 13.75 -17.63 -16.17
N ASN B 77 14.63 -18.48 -15.66
CA ASN B 77 14.40 -19.08 -14.35
C ASN B 77 14.63 -18.11 -13.21
N ASP B 78 15.38 -17.03 -13.45
CA ASP B 78 15.55 -15.99 -12.44
C ASP B 78 14.35 -15.07 -12.32
N VAL B 79 13.46 -15.06 -13.31
CA VAL B 79 12.33 -14.14 -13.29
C VAL B 79 11.11 -14.84 -12.69
N PRO B 80 10.25 -14.12 -11.98
CA PRO B 80 8.96 -14.69 -11.54
C PRO B 80 7.99 -14.86 -12.69
N ALA B 81 6.72 -15.14 -12.41
CA ALA B 81 5.71 -15.32 -13.45
C ALA B 81 4.44 -14.50 -13.22
N TRP B 165 20.04 5.06 29.96
CA TRP B 165 19.06 4.10 29.45
C TRP B 165 17.86 4.77 28.83
N THR B 166 17.75 4.57 27.52
CA THR B 166 16.75 5.20 26.67
C THR B 166 16.31 4.21 25.60
N ILE B 167 15.29 4.60 24.84
CA ILE B 167 14.73 3.70 23.84
C ILE B 167 15.73 3.32 22.74
N GLU B 168 16.82 4.07 22.58
CA GLU B 168 17.77 3.71 21.53
C GLU B 168 18.64 2.53 21.98
N ASN B 169 19.17 2.57 23.20
CA ASN B 169 19.98 1.46 23.69
C ASN B 169 19.18 0.45 24.49
N ALA B 170 17.95 0.79 24.88
CA ALA B 170 17.17 -0.13 25.70
C ALA B 170 17.03 -1.48 25.01
N LYS B 171 16.51 -1.49 23.79
CA LYS B 171 16.26 -2.77 23.13
C LYS B 171 17.56 -3.54 22.98
N GLU B 172 18.61 -2.90 22.44
CA GLU B 172 19.87 -3.61 22.24
C GLU B 172 20.34 -4.31 23.52
N ARG B 173 20.29 -3.61 24.66
CA ARG B 173 20.73 -4.23 25.92
C ARG B 173 19.79 -5.31 26.39
N LEU B 174 18.48 -5.16 26.18
CA LEU B 174 17.60 -6.18 26.74
C LEU B 174 17.76 -7.51 25.99
N ASN B 175 17.96 -7.47 24.66
CA ASN B 175 18.02 -8.72 23.93
C ASN B 175 19.18 -9.61 24.36
N ILE B 176 20.23 -9.05 24.96
CA ILE B 176 21.32 -9.94 25.35
C ILE B 176 21.16 -10.39 26.80
N TYR B 177 20.50 -9.60 27.66
CA TYR B 177 20.01 -10.14 28.92
C TYR B 177 19.07 -11.31 28.66
N LYS B 178 18.12 -11.13 27.75
CA LYS B 178 17.28 -12.24 27.30
C LYS B 178 18.10 -13.35 26.66
N GLN B 179 19.23 -13.00 26.01
CA GLN B 179 19.97 -13.98 25.20
C GLN B 179 20.56 -15.10 26.05
N THR B 180 21.02 -14.77 27.27
CA THR B 180 21.65 -15.78 28.11
C THR B 180 20.62 -16.76 28.69
N ASN B 181 19.49 -16.24 29.16
CA ASN B 181 18.51 -17.02 29.90
C ASN B 181 17.56 -17.82 29.01
N ASN B 182 17.89 -18.00 27.73
CA ASN B 182 17.09 -18.76 26.76
C ASN B 182 15.60 -18.45 26.87
N ILE B 183 15.27 -17.22 27.27
CA ILE B 183 13.88 -16.75 27.28
C ILE B 183 13.46 -16.58 25.82
N ARG B 184 12.64 -17.51 25.32
CA ARG B 184 12.12 -17.43 23.97
C ARG B 184 10.83 -16.60 23.88
N ASP B 185 10.35 -16.07 25.00
CA ASP B 185 9.13 -15.25 24.98
C ASP B 185 9.42 -13.92 24.29
N ASP B 186 8.54 -13.53 23.36
CA ASP B 186 8.66 -12.29 22.62
C ASP B 186 7.53 -11.33 22.98
N TYR B 187 7.58 -10.13 22.41
CA TYR B 187 6.56 -9.11 22.66
C TYR B 187 5.20 -9.59 22.20
N LYS B 188 4.20 -9.44 23.06
CA LYS B 188 2.81 -9.66 22.70
C LYS B 188 2.18 -8.31 22.39
N TYR B 189 1.74 -8.12 21.14
CA TYR B 189 1.14 -6.85 20.71
C TYR B 189 -0.39 -6.88 20.71
N THR B 190 -0.98 -5.74 20.98
CA THR B 190 -2.43 -5.66 20.94
C THR B 190 -2.90 -4.38 20.25
N PRO B 191 -3.52 -4.48 19.08
CA PRO B 191 -4.00 -3.29 18.37
C PRO B 191 -5.24 -2.73 19.05
N VAL B 192 -5.20 -1.44 19.38
CA VAL B 192 -6.34 -0.74 19.97
C VAL B 192 -6.66 0.50 19.13
N GLY B 193 -7.86 1.04 19.35
CA GLY B 193 -8.27 2.24 18.64
C GLY B 193 -8.81 1.96 17.25
N PRO B 194 -9.30 2.98 16.55
CA PRO B 194 -9.80 2.74 15.21
C PRO B 194 -8.66 2.31 14.28
N GLU B 195 -9.03 1.50 13.29
CA GLU B 195 -8.05 1.05 12.33
C GLU B 195 -7.33 2.19 11.64
N HIS B 196 -7.96 3.33 11.47
CA HIS B 196 -7.27 4.42 10.80
C HIS B 196 -6.45 5.28 11.75
N ALA B 197 -6.43 4.93 13.05
CA ALA B 197 -5.54 5.64 13.99
C ALA B 197 -5.21 4.66 15.12
N ARG B 198 -4.44 3.62 14.78
CA ARG B 198 -4.11 2.56 15.72
C ARG B 198 -3.21 3.07 16.84
N SER B 199 -3.26 2.35 17.93
CA SER B 199 -2.17 2.31 18.89
C SER B 199 -1.97 0.85 19.28
N PHE B 200 -0.74 0.53 19.68
CA PHE B 200 -0.37 -0.86 19.97
C PHE B 200 0.13 -0.98 21.39
N LEU B 201 -0.45 -1.90 22.15
CA LEU B 201 0.06 -2.30 23.44
C LEU B 201 1.11 -3.38 23.22
N ALA B 202 2.25 -3.23 23.86
CA ALA B 202 3.35 -4.19 23.79
C ALA B 202 3.66 -4.69 25.20
N GLU B 203 3.67 -6.01 25.36
CA GLU B 203 3.79 -6.61 26.68
C GLU B 203 4.84 -7.71 26.60
N LEU B 204 5.68 -7.79 27.63
CA LEU B 204 6.69 -8.84 27.70
C LEU B 204 7.13 -9.01 29.15
N SER B 205 7.17 -10.26 29.61
CA SER B 205 7.52 -10.58 30.99
C SER B 205 8.72 -11.50 31.01
N ILE B 206 9.62 -11.26 31.97
CA ILE B 206 10.88 -11.98 32.10
C ILE B 206 10.94 -12.59 33.50
N TYR B 207 10.79 -13.92 33.59
CA TYR B 207 10.93 -14.58 34.89
C TYR B 207 12.39 -14.54 35.34
N VAL B 208 12.85 -13.37 35.78
CA VAL B 208 14.23 -13.27 36.29
C VAL B 208 14.38 -14.20 37.48
N PRO B 209 15.51 -14.87 37.65
CA PRO B 209 15.66 -15.80 38.78
C PRO B 209 16.46 -15.23 39.94
N ALA B 210 17.14 -14.09 39.71
CA ALA B 210 17.94 -13.43 40.74
C ALA B 210 17.09 -13.18 41.98
N LEU B 211 16.14 -12.26 41.91
CA LEU B 211 14.94 -12.39 42.71
C LEU B 211 13.95 -13.22 41.90
N ASN B 212 12.97 -13.81 42.58
CA ASN B 212 11.91 -14.50 41.86
C ASN B 212 10.62 -13.69 41.87
N ARG B 213 10.78 -12.38 41.77
CA ARG B 213 9.78 -11.58 41.08
C ARG B 213 9.94 -11.84 39.58
N THR B 214 8.83 -11.84 38.87
CA THR B 214 8.84 -11.88 37.41
C THR B 214 8.49 -10.48 36.93
N VAL B 215 9.44 -9.82 36.27
CA VAL B 215 9.31 -8.42 35.90
C VAL B 215 8.58 -8.30 34.57
N THR B 216 7.68 -7.32 34.48
CA THR B 216 6.81 -7.16 33.32
C THR B 216 6.83 -5.70 32.89
N ALA B 217 6.61 -5.47 31.58
CA ALA B 217 6.42 -4.15 31.00
C ALA B 217 5.17 -4.16 30.14
N ARG B 218 4.40 -3.07 30.21
CA ARG B 218 3.22 -2.89 29.37
C ARG B 218 3.24 -1.45 28.86
N GLU B 219 3.73 -1.24 27.64
CA GLU B 219 3.83 0.10 27.10
C GLU B 219 3.16 0.14 25.73
N SER B 220 3.01 1.36 25.19
CA SER B 220 2.23 1.55 23.98
C SER B 220 2.91 2.56 23.05
N GLY B 221 2.58 2.45 21.77
CA GLY B 221 3.06 3.37 20.76
C GLY B 221 2.09 3.32 19.60
N SER B 222 2.26 4.25 18.67
CA SER B 222 1.39 4.34 17.50
C SER B 222 1.83 3.41 16.38
N ASN B 223 2.77 2.50 16.68
CA ASN B 223 3.26 1.47 15.79
C ASN B 223 4.06 0.47 16.61
N LYS B 224 4.22 -0.74 16.06
CA LYS B 224 4.71 -1.84 16.89
C LYS B 224 6.15 -1.65 17.31
N LYS B 225 6.98 -1.04 16.45
CA LYS B 225 8.39 -0.82 16.80
C LYS B 225 8.51 0.17 17.97
N SER B 226 7.80 1.30 17.89
CA SER B 226 7.76 2.26 19.00
C SER B 226 7.31 1.60 20.28
N ALA B 227 6.20 0.86 20.20
CA ALA B 227 5.68 0.16 21.37
C ALA B 227 6.72 -0.79 21.93
N SER B 228 7.35 -1.58 21.05
CA SER B 228 8.47 -2.44 21.43
C SER B 228 9.51 -1.67 22.23
N LYS B 229 10.04 -0.57 21.67
CA LYS B 229 11.11 0.16 22.34
C LYS B 229 10.69 0.65 23.71
N SER B 230 9.54 1.34 23.80
CA SER B 230 9.03 1.78 25.10
C SER B 230 8.86 0.61 26.05
N CYS B 231 8.36 -0.52 25.52
CA CYS B 231 8.25 -1.71 26.33
C CYS B 231 9.64 -2.15 26.80
N ALA B 232 10.56 -2.36 25.83
CA ALA B 232 11.93 -2.75 26.14
C ALA B 232 12.57 -1.79 27.14
N LEU B 233 12.24 -0.51 27.03
CA LEU B 233 12.87 0.47 27.90
C LEU B 233 12.39 0.31 29.32
N SER B 234 11.08 0.16 29.50
CA SER B 234 10.50 -0.02 30.83
C SER B 234 11.21 -1.17 31.54
N LEU B 235 11.26 -2.33 30.89
CA LEU B 235 12.02 -3.45 31.40
C LEU B 235 13.39 -3.03 31.90
N VAL B 236 14.21 -2.47 31.00
CA VAL B 236 15.62 -2.20 31.34
C VAL B 236 15.71 -1.24 32.53
N ARG B 237 14.90 -0.16 32.50
CA ARG B 237 14.89 0.77 33.62
C ARG B 237 14.45 0.09 34.90
N GLN B 238 13.60 -0.93 34.80
CA GLN B 238 13.22 -1.69 35.97
C GLN B 238 14.25 -2.73 36.36
N LEU B 239 15.50 -2.61 35.90
CA LEU B 239 16.57 -3.46 36.39
C LEU B 239 17.82 -2.66 36.69
N PHE B 240 18.04 -1.56 35.96
CA PHE B 240 19.02 -0.57 36.38
C PHE B 240 18.64 0.05 37.71
N HIS B 241 17.35 0.05 38.06
CA HIS B 241 16.91 0.50 39.37
C HIS B 241 16.79 -0.63 40.39
N LEU B 242 16.93 -1.88 39.95
CA LEU B 242 17.11 -3.01 40.85
C LEU B 242 18.50 -3.64 40.69
N ASN B 243 19.44 -2.91 40.10
CA ASN B 243 20.88 -3.21 40.16
C ASN B 243 21.21 -4.54 39.47
N VAL B 244 20.74 -4.67 38.21
CA VAL B 244 21.06 -5.84 37.39
C VAL B 244 21.58 -5.38 36.04
N ILE B 245 21.77 -4.07 35.87
CA ILE B 245 22.23 -3.55 34.59
C ILE B 245 23.15 -2.35 34.79
N GLU B 246 24.39 -2.46 34.35
CA GLU B 246 25.33 -1.34 34.45
C GLU B 246 24.97 -0.26 33.43
N PRO B 247 24.62 0.96 33.88
CA PRO B 247 24.13 2.05 33.03
C PRO B 247 25.19 2.68 32.11
#